data_6SKV
#
_entry.id   6SKV
#
_cell.length_a   67.308
_cell.length_b   67.308
_cell.length_c   122.948
_cell.angle_alpha   90.000
_cell.angle_beta   90.000
_cell.angle_gamma   120.000
#
_symmetry.space_group_name_H-M   'P 32 2 1'
#
loop_
_entity.id
_entity.type
_entity.pdbx_description
1 polymer 'Carbonic anhydrase 2'
2 non-polymer 'ZINC ION'
3 non-polymer 'COPPER (II) ION'
4 non-polymer GLYCEROL
5 non-polymer ~{N}-[3-[(~{E})-2-(1~{H}-imidazol-5-yl)ethylideneamino]-3-oxidanylidene-propyl]-4-sulfamoyl-benzamide
6 water water
#
_entity_poly.entity_id   1
_entity_poly.type   'polypeptide(L)'
_entity_poly.pdbx_seq_one_letter_code
;MSHHWGYGKHNGPEHWHKDFPIANGERQSPVDIDTKAVVQDPALKPLALVYGEATSRRMVNNGHSFNVEYDDSQDKAVLK
DGPLTGTYRLVQFHFHWGSSDDQGSEHTVDRKKYAAELHLVHWNTKYGDFGTAAQQPDGLAVVGVFLKVGDANPALQKVL
DALDSIKTKGKSTDFPNFDPGSLLPNVLDYWTYPGSLTTPPLLESVTWIVLKEPISVSSQQMLKFRTLNFNAEGEPELLM
LANWRPAQPLKNRQVRGFPK
;
_entity_poly.pdbx_strand_id   A
#
loop_
_chem_comp.id
_chem_comp.type
_chem_comp.name
_chem_comp.formula
CU non-polymer 'COPPER (II) ION' 'Cu 2'
E5Z non-polymer ~{N}-[3-[(~{E})-2-(1~{H}-imidazol-5-yl)ethylideneamino]-3-oxidanylidene-propyl]-4-sulfamoyl-benzamide 'C15 H17 N5 O4 S'
GOL non-polymer GLYCEROL 'C3 H8 O3'
ZN non-polymer 'ZINC ION' 'Zn 2'
#
# COMPACT_ATOMS: atom_id res chain seq x y z
N SER A 2 -6.63 15.90 -17.98
CA SER A 2 -6.23 17.23 -17.42
C SER A 2 -6.67 17.36 -15.95
N HIS A 3 -7.96 17.13 -15.66
CA HIS A 3 -8.44 16.90 -14.26
C HIS A 3 -8.30 15.42 -13.93
N HIS A 4 -7.56 15.13 -12.88
CA HIS A 4 -7.64 13.82 -12.26
C HIS A 4 -7.59 14.22 -10.73
N TRP A 5 -6.74 13.60 -9.92
CA TRP A 5 -6.56 14.03 -8.51
C TRP A 5 -5.07 13.83 -8.29
N GLY A 6 -4.59 14.24 -7.14
CA GLY A 6 -3.20 14.00 -6.80
C GLY A 6 -2.89 14.40 -5.41
N TYR A 7 -1.68 14.94 -5.21
CA TYR A 7 -1.17 15.32 -3.91
C TYR A 7 -0.61 16.75 -3.87
N GLY A 8 -1.05 17.52 -4.85
CA GLY A 8 -0.61 18.91 -5.08
C GLY A 8 -1.49 19.93 -4.42
N LYS A 9 -1.23 21.20 -4.78
CA LYS A 9 -1.92 22.30 -4.19
C LYS A 9 -3.44 22.31 -4.47
N HIS A 10 -3.85 21.98 -5.68
CA HIS A 10 -5.25 22.10 -6.07
C HIS A 10 -6.00 20.81 -6.29
N ASN A 11 -5.34 19.66 -6.17
CA ASN A 11 -5.95 18.37 -6.50
C ASN A 11 -5.78 17.38 -5.34
N GLY A 12 -5.51 17.90 -4.15
CA GLY A 12 -4.93 17.10 -3.06
C GLY A 12 -6.02 16.38 -2.23
N PRO A 13 -5.59 15.61 -1.23
CA PRO A 13 -6.53 14.78 -0.38
C PRO A 13 -7.68 15.56 0.22
N GLU A 14 -7.42 16.81 0.60
CA GLU A 14 -8.44 17.59 1.23
C GLU A 14 -9.60 17.94 0.28
N HIS A 15 -9.37 17.78 -1.02
CA HIS A 15 -10.37 18.06 -2.01
C HIS A 15 -11.02 16.79 -2.59
N TRP A 16 -10.42 15.62 -2.32
CA TRP A 16 -10.92 14.42 -2.97
C TRP A 16 -12.41 14.19 -2.74
N HIS A 17 -12.94 14.59 -1.57
CA HIS A 17 -14.35 14.43 -1.26
C HIS A 17 -15.32 15.17 -2.24
N LYS A 18 -14.80 16.16 -2.94
CA LYS A 18 -15.59 16.90 -3.92
C LYS A 18 -15.89 16.04 -5.12
N ASP A 19 -14.92 15.18 -5.49
CA ASP A 19 -15.01 14.26 -6.63
C ASP A 19 -15.44 12.84 -6.22
N PHE A 20 -15.14 12.43 -4.99
CA PHE A 20 -15.43 11.07 -4.48
C PHE A 20 -16.02 11.23 -3.07
N PRO A 21 -17.36 11.35 -2.97
CA PRO A 21 -17.93 11.69 -1.67
C PRO A 21 -17.65 10.68 -0.54
N ILE A 22 -17.46 9.42 -0.92
CA ILE A 22 -17.07 8.39 0.04
C ILE A 22 -15.78 8.76 0.78
N ALA A 23 -14.99 9.70 0.26
CA ALA A 23 -13.84 10.22 1.03
C ALA A 23 -14.14 10.56 2.48
N ASN A 24 -15.39 10.97 2.77
CA ASN A 24 -15.87 11.33 4.12
C ASN A 24 -16.75 10.22 4.71
N GLY A 25 -16.51 8.99 4.29
CA GLY A 25 -17.30 7.88 4.74
C GLY A 25 -16.92 7.37 6.12
N GLU A 26 -17.58 6.29 6.48
CA GLU A 26 -17.50 5.69 7.81
C GLU A 26 -16.30 4.77 8.01
N ARG A 27 -15.64 4.39 6.90
CA ARG A 27 -14.56 3.37 6.98
C ARG A 27 -13.39 3.75 6.09
N GLN A 28 -12.90 4.97 6.24
CA GLN A 28 -11.79 5.43 5.40
C GLN A 28 -10.40 5.11 5.98
N SER A 29 -9.44 4.97 5.07
CA SER A 29 -8.06 4.70 5.42
C SER A 29 -7.15 5.75 4.81
N PRO A 30 -5.94 5.90 5.34
CA PRO A 30 -5.41 5.19 6.52
C PRO A 30 -5.92 5.77 7.83
N VAL A 31 -5.45 5.15 8.92
CA VAL A 31 -5.75 5.60 10.27
C VAL A 31 -4.50 5.59 11.12
N ASP A 32 -4.55 6.32 12.25
CA ASP A 32 -3.55 6.18 13.27
C ASP A 32 -3.90 4.96 14.13
N ILE A 33 -2.91 4.17 14.43
CA ILE A 33 -3.03 2.99 15.31
C ILE A 33 -2.54 3.41 16.67
N ASP A 34 -3.49 3.60 17.57
CA ASP A 34 -3.24 3.89 18.98
C ASP A 34 -3.02 2.53 19.65
N THR A 35 -1.78 2.23 20.01
CA THR A 35 -1.42 0.87 20.41
C THR A 35 -2.06 0.50 21.73
N LYS A 36 -2.28 1.50 22.57
CA LYS A 36 -2.99 1.26 23.88
C LYS A 36 -4.45 0.84 23.73
N ALA A 37 -5.03 1.06 22.55
CA ALA A 37 -6.42 0.75 22.27
C ALA A 37 -6.65 -0.54 21.49
N VAL A 38 -5.57 -1.18 21.08
CA VAL A 38 -5.61 -2.37 20.23
C VAL A 38 -6.16 -3.54 21.02
N VAL A 39 -7.08 -4.25 20.38
CA VAL A 39 -7.84 -5.33 20.99
C VAL A 39 -7.22 -6.69 20.61
N GLN A 40 -7.26 -7.65 21.56
N GLN A 40 -7.23 -7.65 21.56
CA GLN A 40 -6.75 -9.00 21.36
CA GLN A 40 -6.74 -9.02 21.31
C GLN A 40 -7.93 -9.92 21.06
C GLN A 40 -7.93 -9.92 21.05
N ASP A 41 -7.92 -10.59 19.91
CA ASP A 41 -9.02 -11.43 19.44
C ASP A 41 -8.44 -12.82 19.18
N PRO A 42 -8.80 -13.82 20.00
CA PRO A 42 -8.33 -15.21 19.75
C PRO A 42 -8.74 -15.84 18.41
N ALA A 43 -9.73 -15.28 17.72
CA ALA A 43 -10.08 -15.74 16.38
C ALA A 43 -9.01 -15.46 15.32
N LEU A 44 -8.19 -14.45 15.55
CA LEU A 44 -7.16 -14.10 14.56
C LEU A 44 -6.09 -15.19 14.46
N LYS A 45 -5.68 -15.46 13.23
CA LYS A 45 -4.67 -16.43 12.92
C LYS A 45 -3.40 -15.77 12.44
N PRO A 46 -2.29 -16.50 12.44
CA PRO A 46 -1.09 -16.00 11.72
C PRO A 46 -1.39 -15.79 10.24
N LEU A 47 -0.75 -14.79 9.65
CA LEU A 47 -0.87 -14.59 8.22
C LEU A 47 -0.25 -15.74 7.43
N ALA A 48 -0.86 -16.12 6.33
CA ALA A 48 -0.28 -17.10 5.37
C ALA A 48 -0.06 -16.38 4.05
N LEU A 49 1.19 -15.97 3.79
CA LEU A 49 1.53 -15.31 2.53
C LEU A 49 2.29 -16.33 1.69
N VAL A 50 1.65 -16.78 0.62
CA VAL A 50 2.13 -17.97 -0.08
C VAL A 50 2.57 -17.45 -1.44
N TYR A 51 3.84 -17.03 -1.50
CA TYR A 51 4.33 -16.25 -2.57
C TYR A 51 5.42 -16.96 -3.36
N GLY A 52 5.73 -18.21 -3.01
CA GLY A 52 6.78 -19.00 -3.70
C GLY A 52 6.72 -19.01 -5.20
N GLU A 53 5.51 -19.11 -5.72
CA GLU A 53 5.29 -19.16 -7.17
C GLU A 53 4.80 -17.83 -7.77
N ALA A 54 5.00 -16.71 -7.07
CA ALA A 54 4.61 -15.39 -7.62
C ALA A 54 5.31 -15.08 -8.93
N THR A 55 4.58 -14.49 -9.86
CA THR A 55 5.11 -14.12 -11.17
C THR A 55 4.97 -12.62 -11.40
N SER A 56 6.03 -11.85 -11.11
CA SER A 56 6.00 -10.40 -11.40
C SER A 56 6.07 -10.20 -12.90
N ARG A 57 5.40 -9.18 -13.41
CA ARG A 57 5.35 -8.90 -14.86
C ARG A 57 6.08 -7.62 -15.22
N ARG A 58 5.49 -6.49 -14.89
CA ARG A 58 6.07 -5.21 -15.25
C ARG A 58 5.92 -4.23 -14.13
N MET A 59 6.77 -3.23 -14.18
CA MET A 59 6.72 -2.09 -13.28
C MET A 59 6.22 -0.90 -14.09
N VAL A 60 5.23 -0.19 -13.55
CA VAL A 60 4.49 0.85 -14.27
C VAL A 60 4.39 2.13 -13.45
N ASN A 61 4.67 3.30 -14.06
CA ASN A 61 4.35 4.59 -13.42
C ASN A 61 2.93 4.96 -13.79
N ASN A 62 2.02 5.00 -12.82
CA ASN A 62 0.62 5.31 -13.11
C ASN A 62 0.30 6.79 -12.85
N GLY A 63 1.33 7.61 -12.59
CA GLY A 63 1.14 9.05 -12.38
C GLY A 63 0.69 9.44 -10.99
N HIS A 64 0.62 8.45 -10.10
CA HIS A 64 0.42 8.72 -8.68
C HIS A 64 1.38 7.95 -7.78
N SER A 65 1.86 6.81 -8.26
CA SER A 65 2.89 6.03 -7.64
C SER A 65 3.45 5.12 -8.76
N PHE A 66 4.15 4.03 -8.40
CA PHE A 66 4.50 3.00 -9.38
C PHE A 66 4.09 1.68 -8.79
N ASN A 67 3.60 0.79 -9.68
CA ASN A 67 3.11 -0.53 -9.29
C ASN A 67 4.06 -1.59 -9.89
N VAL A 68 4.43 -2.58 -9.11
CA VAL A 68 4.95 -3.83 -9.63
C VAL A 68 3.72 -4.75 -9.76
N GLU A 69 3.43 -5.17 -10.99
CA GLU A 69 2.23 -5.94 -11.31
C GLU A 69 2.53 -7.42 -11.28
N TYR A 70 1.62 -8.23 -10.72
CA TYR A 70 1.73 -9.67 -10.65
C TYR A 70 0.67 -10.33 -11.51
N ASP A 71 1.00 -11.51 -12.03
CA ASP A 71 0.01 -12.35 -12.68
C ASP A 71 -0.98 -12.90 -11.66
N ASP A 72 -2.24 -12.48 -11.81
CA ASP A 72 -3.34 -12.84 -10.90
C ASP A 72 -4.45 -13.63 -11.63
N SER A 73 -4.06 -14.34 -12.70
CA SER A 73 -4.98 -15.14 -13.50
C SER A 73 -5.20 -16.49 -12.84
N GLN A 74 -4.26 -16.90 -11.99
CA GLN A 74 -4.38 -18.14 -11.23
C GLN A 74 -3.96 -17.86 -9.79
N ASP A 75 -4.19 -18.83 -8.93
CA ASP A 75 -3.64 -18.79 -7.57
C ASP A 75 -2.12 -18.96 -7.46
N LYS A 76 -1.37 -17.99 -7.91
CA LYS A 76 0.12 -18.08 -7.95
C LYS A 76 0.78 -17.45 -6.71
N ALA A 77 0.18 -16.39 -6.20
CA ALA A 77 0.67 -15.76 -5.03
C ALA A 77 -0.59 -15.36 -4.32
N VAL A 78 -0.81 -15.91 -3.14
CA VAL A 78 -2.03 -15.69 -2.41
C VAL A 78 -1.74 -15.37 -0.94
N LEU A 79 -2.74 -14.74 -0.35
CA LEU A 79 -2.78 -14.39 1.04
C LEU A 79 -4.01 -15.08 1.64
N LYS A 80 -3.81 -15.73 2.76
CA LYS A 80 -4.91 -16.35 3.47
C LYS A 80 -4.68 -16.31 4.98
N ASP A 81 -5.65 -16.81 5.75
CA ASP A 81 -5.61 -16.79 7.20
C ASP A 81 -5.51 -15.34 7.70
N GLY A 82 -4.68 -15.06 8.70
CA GLY A 82 -4.77 -13.75 9.35
C GLY A 82 -6.19 -13.51 9.81
N PRO A 83 -6.76 -12.32 9.51
CA PRO A 83 -8.19 -12.03 9.81
C PRO A 83 -9.16 -12.51 8.73
N LEU A 84 -8.64 -13.18 7.69
CA LEU A 84 -9.40 -13.36 6.46
C LEU A 84 -10.11 -14.70 6.41
N THR A 85 -11.24 -14.71 5.70
CA THR A 85 -11.92 -15.92 5.22
C THR A 85 -11.76 -16.05 3.70
N GLY A 86 -11.28 -17.21 3.25
CA GLY A 86 -11.04 -17.45 1.86
C GLY A 86 -9.64 -17.07 1.37
N THR A 87 -9.48 -17.03 0.06
CA THR A 87 -8.22 -16.84 -0.63
C THR A 87 -8.21 -15.50 -1.36
N TYR A 88 -7.10 -14.77 -1.19
CA TYR A 88 -6.93 -13.48 -1.79
C TYR A 88 -5.68 -13.48 -2.66
N ARG A 89 -5.85 -13.21 -3.94
CA ARG A 89 -4.75 -13.23 -4.88
C ARG A 89 -4.00 -11.92 -4.91
N LEU A 90 -2.67 -11.97 -4.83
CA LEU A 90 -1.79 -10.80 -5.09
C LEU A 90 -1.89 -10.27 -6.50
N VAL A 91 -2.18 -8.99 -6.66
CA VAL A 91 -2.30 -8.36 -7.99
C VAL A 91 -1.20 -7.34 -8.23
N GLN A 92 -0.79 -6.59 -7.22
CA GLN A 92 0.25 -5.62 -7.37
C GLN A 92 0.75 -5.16 -6.03
N PHE A 93 1.95 -4.58 -6.04
CA PHE A 93 2.39 -3.77 -4.91
C PHE A 93 2.86 -2.41 -5.38
N HIS A 94 2.84 -1.46 -4.44
CA HIS A 94 3.28 -0.10 -4.68
C HIS A 94 3.66 0.54 -3.35
N PHE A 95 4.18 1.78 -3.42
CA PHE A 95 4.62 2.49 -2.23
C PHE A 95 3.97 3.86 -2.11
N HIS A 96 3.97 4.37 -0.89
CA HIS A 96 3.76 5.80 -0.63
C HIS A 96 4.95 6.30 0.13
N TRP A 97 5.27 7.59 -0.10
CA TRP A 97 6.44 8.22 0.55
C TRP A 97 6.20 9.71 0.69
N GLY A 98 7.09 10.37 1.44
CA GLY A 98 6.99 11.79 1.71
C GLY A 98 8.17 12.58 1.15
N SER A 99 8.14 13.89 1.38
CA SER A 99 9.18 14.79 0.78
C SER A 99 10.47 14.91 1.62
N SER A 100 10.43 14.39 2.83
CA SER A 100 11.58 14.22 3.68
C SER A 100 11.40 12.95 4.50
N ASP A 101 12.49 12.50 5.09
CA ASP A 101 12.53 11.18 5.72
C ASP A 101 11.65 11.07 6.96
N ASP A 102 11.34 12.19 7.59
CA ASP A 102 10.46 12.20 8.77
C ASP A 102 8.95 11.97 8.51
N GLN A 103 8.53 11.85 7.26
CA GLN A 103 7.13 11.66 6.93
C GLN A 103 7.02 10.81 5.68
N GLY A 104 5.85 10.25 5.44
CA GLY A 104 5.61 9.54 4.19
C GLY A 104 4.74 8.29 4.30
N SER A 105 4.68 7.68 5.47
CA SER A 105 3.73 6.56 5.66
C SER A 105 2.28 7.10 5.70
N GLU A 106 1.35 6.21 5.37
CA GLU A 106 -0.07 6.50 5.39
C GLU A 106 -0.62 6.18 6.76
N HIS A 107 -0.48 4.92 7.16
CA HIS A 107 -0.73 4.57 8.53
C HIS A 107 0.36 5.17 9.44
N THR A 108 -0.05 5.47 10.68
CA THR A 108 0.84 5.92 11.74
C THR A 108 0.61 5.07 12.96
N VAL A 109 1.59 5.07 13.86
CA VAL A 109 1.55 4.24 15.07
C VAL A 109 1.82 5.18 16.25
N ASP A 110 0.82 5.36 17.11
CA ASP A 110 0.88 6.37 18.16
C ASP A 110 1.40 7.72 17.59
N ARG A 111 0.83 8.10 16.43
CA ARG A 111 1.15 9.31 15.66
C ARG A 111 2.54 9.32 14.98
N LYS A 112 3.35 8.29 15.15
CA LYS A 112 4.66 8.20 14.53
C LYS A 112 4.51 7.92 13.04
N LYS A 113 5.26 8.65 12.22
CA LYS A 113 5.30 8.47 10.76
C LYS A 113 6.61 7.83 10.37
N TYR A 114 6.53 6.86 9.47
CA TYR A 114 7.71 6.32 8.88
C TYR A 114 7.99 7.03 7.55
N ALA A 115 9.12 6.70 6.93
CA ALA A 115 9.54 7.37 5.68
C ALA A 115 8.71 6.98 4.48
N ALA A 116 8.13 5.77 4.51
CA ALA A 116 7.38 5.23 3.39
C ALA A 116 6.55 4.03 3.88
N GLU A 117 5.64 3.59 3.02
CA GLU A 117 4.82 2.45 3.32
C GLU A 117 4.56 1.68 2.04
N LEU A 118 4.80 0.38 2.10
CA LEU A 118 4.57 -0.55 1.03
C LEU A 118 3.20 -1.16 1.19
N HIS A 119 2.45 -1.25 0.10
CA HIS A 119 1.13 -1.86 0.05
C HIS A 119 1.14 -3.04 -0.94
N LEU A 120 0.89 -4.22 -0.42
CA LEU A 120 0.71 -5.42 -1.22
C LEU A 120 -0.79 -5.66 -1.35
N VAL A 121 -1.31 -5.58 -2.55
CA VAL A 121 -2.75 -5.53 -2.81
C VAL A 121 -3.29 -6.86 -3.25
N HIS A 122 -4.36 -7.35 -2.61
CA HIS A 122 -4.87 -8.71 -2.92
C HIS A 122 -6.40 -8.63 -3.06
N TRP A 123 -7.00 -9.54 -3.84
CA TRP A 123 -8.45 -9.57 -4.01
C TRP A 123 -9.04 -10.97 -3.80
N ASN A 124 -10.26 -10.99 -3.26
CA ASN A 124 -10.95 -12.20 -2.81
C ASN A 124 -11.42 -12.98 -4.05
N THR A 125 -10.87 -14.18 -4.26
CA THR A 125 -11.20 -14.98 -5.45
C THR A 125 -12.68 -15.39 -5.50
N LYS A 126 -13.39 -15.27 -4.39
CA LYS A 126 -14.85 -15.42 -4.37
C LYS A 126 -15.57 -14.57 -5.44
N TYR A 127 -14.98 -13.44 -5.82
CA TYR A 127 -15.61 -12.50 -6.75
C TYR A 127 -15.19 -12.54 -8.22
N GLY A 128 -14.30 -13.40 -8.56
CA GLY A 128 -14.03 -13.58 -10.01
C GLY A 128 -13.03 -12.62 -10.61
N ASP A 129 -13.02 -11.37 -10.18
CA ASP A 129 -12.01 -10.45 -10.62
C ASP A 129 -11.79 -9.36 -9.58
N PHE A 130 -10.66 -8.68 -9.73
CA PHE A 130 -10.29 -7.54 -8.85
C PHE A 130 -11.34 -6.41 -8.79
N GLY A 131 -11.83 -5.97 -9.96
CA GLY A 131 -12.79 -4.89 -10.04
C GLY A 131 -14.10 -5.18 -9.28
N THR A 132 -14.64 -6.40 -9.45
CA THR A 132 -15.85 -6.83 -8.71
C THR A 132 -15.60 -6.87 -7.21
N ALA A 133 -14.45 -7.46 -6.85
CA ALA A 133 -14.01 -7.55 -5.45
C ALA A 133 -13.89 -6.20 -4.84
N ALA A 134 -13.41 -5.23 -5.59
CA ALA A 134 -13.16 -3.89 -5.02
C ALA A 134 -14.41 -3.15 -4.53
N GLN A 135 -15.59 -3.64 -4.94
CA GLN A 135 -16.86 -3.03 -4.61
C GLN A 135 -17.59 -3.78 -3.48
N GLN A 136 -16.94 -4.73 -2.84
CA GLN A 136 -17.54 -5.49 -1.72
C GLN A 136 -16.75 -5.32 -0.39
N PRO A 137 -17.45 -5.31 0.76
CA PRO A 137 -16.71 -5.10 2.03
C PRO A 137 -15.66 -6.12 2.35
N ASP A 138 -15.83 -7.36 1.91
CA ASP A 138 -14.84 -8.43 2.10
C ASP A 138 -14.02 -8.69 0.84
N GLY A 139 -13.97 -7.70 -0.03
CA GLY A 139 -13.40 -7.94 -1.36
C GLY A 139 -11.88 -7.88 -1.46
N LEU A 140 -11.27 -6.94 -0.74
CA LEU A 140 -9.81 -6.73 -0.83
C LEU A 140 -9.10 -6.89 0.52
N ALA A 141 -7.82 -7.20 0.44
CA ALA A 141 -6.95 -7.26 1.60
C ALA A 141 -5.65 -6.63 1.18
N VAL A 142 -5.23 -5.60 1.91
CA VAL A 142 -3.96 -4.95 1.61
C VAL A 142 -3.06 -5.13 2.80
N VAL A 143 -1.85 -5.62 2.56
CA VAL A 143 -0.83 -5.75 3.60
C VAL A 143 0.04 -4.48 3.51
N GLY A 144 0.12 -3.72 4.61
CA GLY A 144 0.97 -2.56 4.65
C GLY A 144 2.23 -2.85 5.44
N VAL A 145 3.35 -2.40 4.91
CA VAL A 145 4.65 -2.60 5.55
C VAL A 145 5.33 -1.27 5.62
N PHE A 146 5.77 -0.90 6.84
CA PHE A 146 6.46 0.39 6.99
C PHE A 146 7.91 0.29 6.55
N LEU A 147 8.42 1.38 5.96
CA LEU A 147 9.84 1.54 5.67
C LEU A 147 10.44 2.55 6.65
N LYS A 148 11.37 2.07 7.46
CA LYS A 148 12.02 2.87 8.46
C LYS A 148 13.44 3.25 8.04
N VAL A 149 13.75 4.54 8.12
CA VAL A 149 15.08 5.00 7.76
C VAL A 149 16.11 4.42 8.68
N GLY A 150 17.20 3.94 8.06
CA GLY A 150 18.27 3.23 8.74
C GLY A 150 19.18 2.62 7.68
N ASP A 151 19.45 1.33 7.81
CA ASP A 151 20.31 0.65 6.83
C ASP A 151 19.65 0.57 5.42
N ALA A 152 20.49 0.59 4.38
CA ALA A 152 19.97 0.41 3.00
C ALA A 152 19.45 -1.02 2.89
N ASN A 153 18.44 -1.19 2.05
CA ASN A 153 17.74 -2.47 1.87
C ASN A 153 18.07 -3.05 0.50
N PRO A 154 18.88 -4.13 0.45
CA PRO A 154 19.27 -4.64 -0.85
C PRO A 154 18.12 -5.19 -1.73
N ALA A 155 17.10 -5.75 -1.11
CA ALA A 155 15.93 -6.23 -1.87
C ALA A 155 15.19 -5.04 -2.47
N LEU A 156 15.08 -3.96 -1.71
CA LEU A 156 14.46 -2.77 -2.23
C LEU A 156 15.30 -2.12 -3.36
N GLN A 157 16.62 -2.22 -3.26
CA GLN A 157 17.49 -1.65 -4.26
C GLN A 157 17.17 -2.25 -5.65
N LYS A 158 16.82 -3.54 -5.70
CA LYS A 158 16.43 -4.12 -6.98
C LYS A 158 15.24 -3.39 -7.62
N VAL A 159 14.26 -2.97 -6.80
CA VAL A 159 13.14 -2.16 -7.32
C VAL A 159 13.61 -0.75 -7.77
N LEU A 160 14.42 -0.14 -6.92
CA LEU A 160 14.82 1.25 -7.16
C LEU A 160 15.71 1.35 -8.39
N ASP A 161 16.48 0.30 -8.67
CA ASP A 161 17.35 0.26 -9.91
C ASP A 161 16.51 0.38 -11.19
N ALA A 162 15.21 0.07 -11.14
CA ALA A 162 14.35 0.16 -12.32
C ALA A 162 13.67 1.52 -12.53
N LEU A 163 13.68 2.40 -11.52
CA LEU A 163 12.86 3.61 -11.61
C LEU A 163 13.27 4.58 -12.75
N ASP A 164 14.53 4.52 -13.12
CA ASP A 164 15.00 5.37 -14.25
C ASP A 164 14.34 5.02 -15.60
N SER A 165 13.84 3.79 -15.73
CA SER A 165 13.06 3.37 -16.89
C SER A 165 11.62 3.87 -16.91
N ILE A 166 11.07 4.33 -15.79
CA ILE A 166 9.64 4.66 -15.73
C ILE A 166 9.44 6.02 -15.10
N LYS A 167 10.29 6.99 -15.48
CA LYS A 167 10.32 8.26 -14.80
C LYS A 167 8.98 9.01 -14.91
N THR A 168 8.27 8.80 -16.00
CA THR A 168 7.14 9.60 -16.34
C THR A 168 5.87 8.78 -16.45
N LYS A 169 4.71 9.42 -16.27
CA LYS A 169 3.40 8.77 -16.28
C LYS A 169 3.10 8.00 -17.55
N GLY A 170 2.72 6.72 -17.38
CA GLY A 170 2.47 5.81 -18.51
C GLY A 170 3.60 4.93 -18.92
N LYS A 171 4.82 5.26 -18.52
CA LYS A 171 5.93 4.40 -18.84
C LYS A 171 5.85 3.12 -18.03
N SER A 172 6.30 2.04 -18.64
CA SER A 172 6.39 0.73 -17.94
C SER A 172 7.63 0.05 -18.40
N THR A 173 8.11 -0.91 -17.63
CA THR A 173 9.29 -1.67 -17.93
C THR A 173 9.09 -3.10 -17.49
N ASP A 174 9.72 -4.03 -18.21
CA ASP A 174 9.63 -5.41 -17.88
C ASP A 174 10.33 -5.62 -16.52
N PHE A 175 9.73 -6.42 -15.64
CA PHE A 175 10.26 -6.60 -14.27
C PHE A 175 9.99 -8.01 -13.74
N PRO A 176 10.75 -9.01 -14.25
CA PRO A 176 10.51 -10.40 -13.99
C PRO A 176 11.19 -10.90 -12.74
N ASN A 177 10.66 -11.99 -12.20
CA ASN A 177 11.31 -12.78 -11.17
C ASN A 177 11.56 -11.99 -9.89
N PHE A 178 10.69 -11.02 -9.56
CA PHE A 178 10.82 -10.35 -8.26
C PHE A 178 9.95 -11.05 -7.22
N ASP A 179 10.54 -11.43 -6.11
CA ASP A 179 9.87 -12.13 -5.03
C ASP A 179 9.30 -11.07 -4.07
N PRO A 180 7.96 -10.90 -4.03
CA PRO A 180 7.42 -9.84 -3.16
C PRO A 180 7.65 -10.16 -1.69
N GLY A 181 7.85 -11.44 -1.35
CA GLY A 181 8.27 -11.79 -0.01
C GLY A 181 9.58 -11.22 0.52
N SER A 182 10.46 -10.81 -0.40
CA SER A 182 11.74 -10.19 -0.06
C SER A 182 11.58 -8.83 0.59
N LEU A 183 10.38 -8.26 0.47
CA LEU A 183 10.07 -6.96 1.12
C LEU A 183 9.25 -7.11 2.41
N LEU A 184 9.18 -8.30 2.97
CA LEU A 184 8.49 -8.50 4.26
C LEU A 184 9.49 -8.53 5.41
N PRO A 185 9.06 -8.14 6.61
CA PRO A 185 9.91 -8.24 7.81
C PRO A 185 10.00 -9.66 8.29
N ASN A 186 10.89 -9.92 9.25
CA ASN A 186 11.10 -11.27 9.70
C ASN A 186 9.96 -11.79 10.57
N VAL A 187 9.29 -10.88 11.27
CA VAL A 187 8.20 -11.17 12.18
C VAL A 187 6.95 -10.62 11.50
N LEU A 188 5.86 -11.40 11.47
CA LEU A 188 4.63 -11.02 10.80
C LEU A 188 3.45 -10.66 11.74
N ASP A 189 3.78 -10.19 12.94
CA ASP A 189 2.79 -9.64 13.83
C ASP A 189 2.07 -8.52 13.07
N TYR A 190 0.78 -8.33 13.31
CA TYR A 190 0.01 -7.32 12.58
C TYR A 190 -1.13 -6.69 13.38
N TRP A 191 -1.55 -5.52 12.88
CA TRP A 191 -2.77 -4.87 13.27
C TRP A 191 -3.76 -5.00 12.11
N THR A 192 -5.04 -5.14 12.42
CA THR A 192 -6.07 -5.19 11.37
C THR A 192 -7.29 -4.39 11.70
N TYR A 193 -7.91 -3.81 10.68
CA TYR A 193 -9.16 -3.05 10.81
C TYR A 193 -9.84 -2.97 9.46
N PRO A 194 -11.15 -2.75 9.42
CA PRO A 194 -11.85 -2.61 8.16
C PRO A 194 -11.71 -1.20 7.62
N GLY A 195 -11.31 -1.07 6.37
CA GLY A 195 -11.14 0.27 5.82
C GLY A 195 -11.35 0.38 4.33
N SER A 196 -10.52 1.21 3.68
CA SER A 196 -10.77 1.63 2.32
C SER A 196 -9.47 1.64 1.51
N LEU A 197 -9.63 1.80 0.20
CA LEU A 197 -8.56 2.22 -0.63
C LEU A 197 -8.13 3.61 -0.18
N THR A 198 -6.82 3.88 -0.19
CA THR A 198 -6.31 5.21 0.28
C THR A 198 -6.15 6.22 -0.85
N THR A 199 -6.50 5.83 -2.06
CA THR A 199 -6.58 6.77 -3.18
C THR A 199 -7.96 6.61 -3.78
N PRO A 200 -8.40 7.59 -4.58
CA PRO A 200 -9.56 7.41 -5.42
C PRO A 200 -9.50 6.08 -6.14
N PRO A 201 -10.58 5.31 -6.21
CA PRO A 201 -11.93 5.66 -5.82
C PRO A 201 -12.30 5.50 -4.33
N LEU A 202 -11.32 5.22 -3.45
CA LEU A 202 -11.57 5.29 -2.00
C LEU A 202 -12.64 4.33 -1.48
N LEU A 203 -12.82 3.23 -2.21
CA LEU A 203 -13.87 2.26 -1.93
C LEU A 203 -13.62 1.54 -0.59
N GLU A 204 -14.69 1.30 0.16
CA GLU A 204 -14.62 0.69 1.50
C GLU A 204 -14.73 -0.82 1.43
N SER A 205 -13.69 -1.41 0.86
CA SER A 205 -13.63 -2.82 0.54
C SER A 205 -12.37 -3.53 1.04
N VAL A 206 -11.60 -2.87 1.88
CA VAL A 206 -10.30 -3.34 2.26
C VAL A 206 -10.26 -3.79 3.70
N THR A 207 -9.89 -5.07 3.91
CA THR A 207 -9.43 -5.53 5.21
C THR A 207 -7.93 -5.16 5.28
N TRP A 208 -7.59 -4.19 6.12
CA TRP A 208 -6.22 -3.77 6.26
C TRP A 208 -5.48 -4.67 7.22
N ILE A 209 -4.26 -5.01 6.80
CA ILE A 209 -3.36 -5.83 7.60
C ILE A 209 -2.02 -5.06 7.65
N VAL A 210 -1.73 -4.40 8.77
CA VAL A 210 -0.58 -3.50 8.86
C VAL A 210 0.44 -4.20 9.72
N LEU A 211 1.58 -4.54 9.12
CA LEU A 211 2.62 -5.23 9.89
C LEU A 211 3.27 -4.32 10.95
N LYS A 212 3.52 -4.88 12.14
CA LYS A 212 4.12 -4.11 13.24
C LYS A 212 5.59 -3.79 13.04
N GLU A 213 6.31 -4.70 12.44
CA GLU A 213 7.74 -4.59 12.27
C GLU A 213 8.07 -3.96 10.90
N PRO A 214 8.84 -2.88 10.90
CA PRO A 214 9.18 -2.25 9.59
C PRO A 214 10.29 -2.99 8.88
N ILE A 215 10.43 -2.72 7.60
CA ILE A 215 11.67 -3.07 6.89
C ILE A 215 12.51 -1.80 6.83
N SER A 216 13.80 -1.98 6.53
CA SER A 216 14.72 -0.85 6.43
C SER A 216 14.72 -0.18 5.06
N VAL A 217 15.18 1.08 5.04
CA VAL A 217 15.47 1.81 3.82
C VAL A 217 16.54 2.86 4.17
N SER A 218 17.50 3.14 3.29
CA SER A 218 18.41 4.25 3.60
C SER A 218 17.88 5.60 3.16
N SER A 219 18.46 6.65 3.73
CA SER A 219 18.13 8.00 3.29
C SER A 219 18.43 8.21 1.79
N GLN A 220 19.59 7.71 1.34
CA GLN A 220 19.95 7.67 -0.08
C GLN A 220 18.86 7.01 -0.92
N GLN A 221 18.40 5.84 -0.49
CA GLN A 221 17.37 5.16 -1.24
C GLN A 221 16.10 6.01 -1.33
N MET A 222 15.74 6.68 -0.25
CA MET A 222 14.54 7.52 -0.27
C MET A 222 14.60 8.65 -1.32
N LEU A 223 15.79 9.18 -1.60
CA LEU A 223 15.94 10.19 -2.65
C LEU A 223 15.42 9.68 -3.99
N LYS A 224 15.66 8.40 -4.25
CA LYS A 224 15.30 7.81 -5.51
C LYS A 224 13.81 7.78 -5.78
N PHE A 225 12.98 7.50 -4.74
CA PHE A 225 11.54 7.57 -4.92
C PHE A 225 11.06 8.91 -5.49
N ARG A 226 11.68 9.93 -4.96
CA ARG A 226 11.32 11.32 -5.23
C ARG A 226 11.82 11.85 -6.61
N THR A 227 12.52 11.01 -7.37
CA THR A 227 12.97 11.38 -8.72
C THR A 227 11.87 11.08 -9.78
N LEU A 228 10.81 10.34 -9.41
CA LEU A 228 9.73 10.06 -10.34
C LEU A 228 8.90 11.29 -10.66
N ASN A 229 8.13 11.21 -11.75
CA ASN A 229 7.24 12.32 -12.17
C ASN A 229 5.78 11.95 -12.15
N PHE A 230 4.94 12.84 -11.61
CA PHE A 230 3.47 12.68 -11.71
C PHE A 230 2.98 12.86 -13.17
N ASN A 231 3.67 13.69 -13.93
CA ASN A 231 3.23 14.05 -15.27
C ASN A 231 3.67 13.07 -16.33
N ALA A 232 2.99 13.18 -17.48
CA ALA A 232 3.39 12.48 -18.69
C ALA A 232 4.53 13.23 -19.39
N GLU A 233 5.36 12.51 -20.15
CA GLU A 233 6.48 13.14 -20.86
C GLU A 233 5.92 14.18 -21.84
N GLY A 234 6.60 15.32 -21.93
CA GLY A 234 6.13 16.49 -22.69
C GLY A 234 5.51 17.54 -21.81
N GLU A 235 4.86 17.13 -20.71
CA GLU A 235 4.14 18.07 -19.84
C GLU A 235 5.11 18.73 -18.88
N PRO A 236 4.69 19.86 -18.26
CA PRO A 236 5.53 20.45 -17.22
C PRO A 236 5.86 19.37 -16.16
N GLU A 237 7.13 19.30 -15.75
CA GLU A 237 7.63 18.33 -14.77
C GLU A 237 6.97 18.60 -13.42
N LEU A 238 6.50 17.51 -12.79
CA LEU A 238 5.97 17.60 -11.44
C LEU A 238 6.55 16.43 -10.66
N LEU A 239 7.54 16.70 -9.81
CA LEU A 239 8.26 15.62 -9.13
C LEU A 239 7.33 14.93 -8.14
N MET A 240 7.51 13.61 -8.04
CA MET A 240 6.69 12.79 -7.16
C MET A 240 7.32 12.88 -5.77
N LEU A 241 7.22 14.05 -5.16
CA LEU A 241 7.87 14.30 -3.88
C LEU A 241 7.12 13.61 -2.69
N ALA A 242 5.80 13.53 -2.78
CA ALA A 242 4.98 13.01 -1.68
C ALA A 242 3.69 12.50 -2.28
N ASN A 243 3.22 11.34 -1.79
CA ASN A 243 2.02 10.76 -2.32
C ASN A 243 1.22 9.96 -1.24
N TRP A 244 1.20 10.51 -0.04
CA TRP A 244 0.48 9.89 1.07
C TRP A 244 -0.77 10.64 1.43
N ARG A 245 -1.83 9.88 1.77
CA ARG A 245 -3.01 10.45 2.36
C ARG A 245 -2.85 10.42 3.88
N PRO A 246 -3.25 11.50 4.56
CA PRO A 246 -3.09 11.51 6.01
C PRO A 246 -4.13 10.64 6.74
N ALA A 247 -3.88 10.42 8.02
CA ALA A 247 -4.80 9.66 8.82
C ALA A 247 -6.23 10.22 8.80
N GLN A 248 -7.18 9.32 8.70
CA GLN A 248 -8.60 9.63 8.66
C GLN A 248 -9.30 9.20 9.96
N PRO A 249 -10.51 9.75 10.21
CA PRO A 249 -11.14 9.49 11.53
C PRO A 249 -11.48 8.02 11.70
N LEU A 250 -11.17 7.46 12.85
CA LEU A 250 -11.44 6.04 13.10
C LEU A 250 -12.93 5.72 13.20
N LYS A 251 -13.73 6.66 13.72
CA LYS A 251 -15.19 6.49 13.74
C LYS A 251 -15.60 5.19 14.43
N ASN A 252 -15.02 4.95 15.59
CA ASN A 252 -15.44 3.78 16.41
C ASN A 252 -15.23 2.40 15.76
N ARG A 253 -14.40 2.32 14.74
CA ARG A 253 -13.85 1.05 14.33
C ARG A 253 -12.87 0.51 15.37
N GLN A 254 -12.65 -0.79 15.32
CA GLN A 254 -11.81 -1.48 16.21
C GLN A 254 -10.57 -1.96 15.49
N VAL A 255 -9.38 -1.62 16.03
CA VAL A 255 -8.14 -2.19 15.55
C VAL A 255 -7.76 -3.40 16.43
N ARG A 256 -7.61 -4.57 15.81
CA ARG A 256 -7.21 -5.78 16.47
C ARG A 256 -5.77 -6.10 16.20
N GLY A 257 -5.10 -6.69 17.17
CA GLY A 257 -3.71 -7.03 17.04
C GLY A 257 -3.42 -8.53 17.19
N PHE A 258 -2.54 -9.03 16.34
CA PHE A 258 -2.04 -10.40 16.40
C PHE A 258 -0.52 -10.42 16.60
N PRO A 259 0.00 -11.19 17.56
CA PRO A 259 -0.75 -12.10 18.46
C PRO A 259 -1.40 -11.40 19.65
N LYS A 260 -1.09 -10.12 19.86
CA LYS A 260 -1.85 -9.25 20.74
C LYS A 260 -1.79 -7.82 20.24
ZN ZN B . -1.36 2.31 -1.38
CU CU C . -10.82 17.49 -8.60
CU CU D . -4.95 11.69 -10.74
CU CU E . -2.90 13.08 -10.42
C1 GOL F . -0.93 15.16 1.97
O1 GOL F . -0.16 14.53 2.99
C2 GOL F . -0.01 15.93 1.06
O2 GOL F . -0.72 16.08 -0.16
C3 GOL F . 1.28 15.16 0.79
O3 GOL F . 0.99 13.79 0.51
C1 GOL G . -1.85 3.89 -5.60
O1 GOL G . -1.52 5.14 -6.18
C2 GOL G . -1.84 3.05 -6.85
O2 GOL G . -0.46 2.89 -7.27
C3 GOL G . -2.56 1.76 -6.68
O3 GOL G . -2.98 1.26 -7.96
N1 E5Z H . -3.22 2.53 -1.61
S1 E5Z H . -4.20 1.25 -1.66
O1 E5Z H . -5.29 1.47 -0.77
O2 E5Z H . -3.35 0.12 -1.44
C1 E5Z H . -4.87 1.11 -3.29
C2 E5Z H . -5.52 2.19 -3.86
C3 E5Z H . -6.11 2.09 -5.11
C4 E5Z H . -6.07 0.89 -5.79
C5 E5Z H . -5.41 -0.19 -5.21
C6 E5Z H . -4.82 -0.09 -3.97
C7 E5Z H . -6.68 0.77 -7.16
N2 E5Z H . -6.46 -0.39 -7.81
C8 E5Z H . -5.95 -0.50 -9.18
C9 E5Z H . -4.75 -1.49 -9.34
C10 E5Z H . -4.51 -1.95 -10.78
O3 E5Z H . -7.32 1.69 -7.65
O4 E5Z H . -4.05 -1.16 -11.60
N3 E5Z H . -4.78 -3.21 -11.16
C11 E5Z H . -4.80 -3.59 -12.58
C12 E5Z H . -5.08 -5.05 -12.87
C13 E5Z H . -3.85 -5.92 -12.95
C14 E5Z H . -1.84 -6.58 -12.56
C15 E5Z H . -3.68 -7.13 -13.58
N4 E5Z H . -2.67 -5.59 -12.31
N5 E5Z H . -2.39 -7.52 -13.33
#